data_9N3H
#
_entry.id   9N3H
#
_cell.length_a   88.152
_cell.length_b   88.152
_cell.length_c   290.557
_cell.angle_alpha   90.000
_cell.angle_beta   90.000
_cell.angle_gamma   120.000
#
_symmetry.space_group_name_H-M   'H 3 2'
#
loop_
_entity.id
_entity.type
_entity.pdbx_description
1 polymer 'Capsid protein'
2 non-polymer N-[3-(difluoromethyl)phenyl]-5-[{[(1s,4s)-4-hydroxycyclohexyl]amino}(oxo)acetyl]-1,2,4-trimethyl-1H-pyrrole-3-carboxamide
3 water water
#
_entity_poly.entity_id   1
_entity_poly.type   'polypeptide(L)'
_entity_poly.pdbx_seq_one_letter_code
;MGSMDIDPYKEFGATVELLSFLPSDFFPSVRDLLDTAAALYRDALESPEHCSPHHTALRQAILCWGDLMTLATWVGTNLE
DPASRDLVVSYVNTNVGLKFRQLLWFHISCLTFGRETVLEYLVSFGVWIRTPPAARPPNAPILSTLPETTVVKLENLYFQ
;
_entity_poly.pdbx_strand_id   A,B
#
# COMPACT_ATOMS: atom_id res chain seq x y z
N SER A 3 14.17 -4.61 -11.16
CA SER A 3 13.00 -3.87 -10.64
C SER A 3 12.11 -3.43 -11.78
N MET A 4 10.91 -2.94 -11.43
CA MET A 4 10.10 -2.08 -12.27
C MET A 4 10.34 -0.64 -11.84
N ASP A 5 9.70 0.30 -12.56
CA ASP A 5 9.62 1.69 -12.15
C ASP A 5 8.15 2.06 -12.03
N ILE A 6 7.62 1.78 -10.84
CA ILE A 6 6.22 2.03 -10.48
C ILE A 6 6.14 3.35 -9.73
N ASP A 7 5.32 4.29 -10.23
CA ASP A 7 5.06 5.54 -9.53
C ASP A 7 3.63 5.54 -9.00
N PRO A 8 3.44 5.56 -7.66
CA PRO A 8 2.11 5.52 -7.06
C PRO A 8 1.21 6.58 -7.70
N TYR A 9 1.73 7.81 -7.65
CA TYR A 9 0.99 9.04 -7.97
C TYR A 9 0.64 9.10 -9.46
N LYS A 10 1.46 8.43 -10.28
CA LYS A 10 1.38 8.56 -11.73
C LYS A 10 -0.03 8.31 -12.24
N GLU A 11 -0.71 7.30 -11.66
CA GLU A 11 -2.05 6.98 -12.12
C GLU A 11 -3.02 8.11 -11.76
N PHE A 12 -2.74 8.79 -10.64
CA PHE A 12 -3.57 9.86 -10.10
C PHE A 12 -3.26 11.20 -10.78
N GLY A 13 -2.08 11.32 -11.39
CA GLY A 13 -1.78 12.49 -12.20
C GLY A 13 -0.71 13.37 -11.55
N ALA A 14 0.01 12.82 -10.57
CA ALA A 14 1.20 13.47 -10.02
C ALA A 14 2.43 12.60 -10.28
N THR A 15 3.48 12.78 -9.48
CA THR A 15 4.72 12.03 -9.57
C THR A 15 5.42 12.10 -8.22
N VAL A 16 6.42 11.24 -7.99
CA VAL A 16 7.13 11.22 -6.72
C VAL A 16 7.96 12.49 -6.56
N GLU A 17 8.40 13.09 -7.69
CA GLU A 17 9.19 14.31 -7.67
C GLU A 17 8.32 15.49 -7.23
N LEU A 18 7.22 15.66 -7.96
CA LEU A 18 6.28 16.74 -7.73
C LEU A 18 5.86 16.83 -6.27
N LEU A 19 5.70 15.68 -5.60
CA LEU A 19 5.42 15.59 -4.18
C LEU A 19 6.63 16.06 -3.37
N SER A 20 7.84 15.79 -3.88
CA SER A 20 9.06 16.24 -3.24
C SER A 20 9.28 17.73 -3.48
N PHE A 21 8.36 18.37 -4.23
CA PHE A 21 8.44 19.79 -4.54
C PHE A 21 8.08 20.63 -3.32
N LEU A 22 7.10 20.14 -2.53
CA LEU A 22 6.74 20.73 -1.26
C LEU A 22 7.75 20.27 -0.23
N PRO A 23 8.26 21.18 0.62
CA PRO A 23 9.29 20.82 1.59
C PRO A 23 8.82 19.80 2.62
N SER A 24 9.77 19.10 3.25
CA SER A 24 9.46 17.97 4.11
C SER A 24 8.52 18.40 5.22
N ASP A 25 8.63 19.68 5.64
CA ASP A 25 7.88 20.16 6.78
C ASP A 25 6.58 20.82 6.35
N PHE A 26 6.12 20.54 5.12
CA PHE A 26 4.85 21.08 4.67
C PHE A 26 3.69 20.20 5.14
N PHE A 27 3.99 18.92 5.40
CA PHE A 27 2.97 17.90 5.62
C PHE A 27 2.67 17.77 7.12
N PRO A 28 1.42 17.39 7.50
CA PRO A 28 1.09 17.08 8.90
C PRO A 28 2.02 16.04 9.52
N SER A 29 1.72 15.61 10.75
CA SER A 29 2.30 14.38 11.27
C SER A 29 1.55 13.19 10.65
N VAL A 30 2.13 12.00 10.75
CA VAL A 30 1.41 10.79 10.38
C VAL A 30 0.25 10.65 11.37
N ARG A 31 0.57 10.83 12.67
CA ARG A 31 -0.42 10.70 13.73
C ARG A 31 -1.69 11.47 13.33
N ASP A 32 -1.51 12.76 13.00
CA ASP A 32 -2.58 13.68 12.64
C ASP A 32 -3.23 13.34 11.29
N LEU A 33 -2.48 12.69 10.40
CA LEU A 33 -3.02 12.33 9.09
C LEU A 33 -4.04 11.21 9.29
N LEU A 34 -3.64 10.24 10.11
CA LEU A 34 -4.50 9.10 10.40
C LEU A 34 -5.79 9.60 11.04
N ASP A 35 -5.65 10.53 12.01
CA ASP A 35 -6.76 10.98 12.86
C ASP A 35 -7.85 11.64 12.01
N THR A 36 -7.42 12.38 10.98
CA THR A 36 -8.29 13.12 10.06
C THR A 36 -9.11 12.13 9.22
N ALA A 37 -8.40 11.28 8.46
CA ALA A 37 -9.00 10.25 7.63
C ALA A 37 -10.14 9.56 8.40
N ALA A 38 -9.83 9.21 9.65
CA ALA A 38 -10.77 8.62 10.58
C ALA A 38 -11.97 9.56 10.76
N ALA A 39 -11.71 10.79 11.23
CA ALA A 39 -12.76 11.75 11.48
C ALA A 39 -13.65 11.92 10.25
N LEU A 40 -13.06 11.97 9.05
CA LEU A 40 -13.82 12.31 7.85
C LEU A 40 -14.25 11.06 7.09
N TYR A 41 -13.39 10.02 7.03
CA TYR A 41 -13.59 8.97 6.04
C TYR A 41 -13.45 7.56 6.62
N ARG A 42 -13.39 7.42 7.95
CA ARG A 42 -13.33 6.10 8.58
C ARG A 42 -14.33 5.14 7.92
N ASP A 43 -15.55 5.63 7.64
CA ASP A 43 -16.66 4.78 7.27
C ASP A 43 -16.50 4.30 5.83
N ALA A 44 -16.26 5.23 4.90
CA ALA A 44 -15.93 4.89 3.53
C ALA A 44 -14.74 3.92 3.46
N LEU A 45 -13.74 4.13 4.35
CA LEU A 45 -12.46 3.43 4.37
C LEU A 45 -12.59 1.98 4.83
N GLU A 46 -13.46 1.75 5.82
CA GLU A 46 -13.76 0.42 6.33
C GLU A 46 -14.74 -0.31 5.41
N SER A 47 -15.63 0.47 4.76
CA SER A 47 -16.60 -0.02 3.80
C SER A 47 -16.02 -1.07 2.85
N PRO A 48 -16.81 -2.10 2.48
CA PRO A 48 -16.46 -2.98 1.38
C PRO A 48 -16.96 -2.47 0.03
N GLU A 49 -16.71 -1.20 -0.26
CA GLU A 49 -17.01 -0.62 -1.57
C GLU A 49 -15.77 0.10 -2.09
N HIS A 50 -15.42 -0.14 -3.36
CA HIS A 50 -14.24 0.47 -3.95
C HIS A 50 -14.22 1.97 -3.67
N CYS A 51 -15.38 2.63 -3.85
CA CYS A 51 -15.56 4.06 -3.65
C CYS A 51 -14.73 4.84 -4.67
N SER A 52 -13.41 4.84 -4.47
CA SER A 52 -12.48 5.55 -5.35
C SER A 52 -11.10 4.90 -5.25
N PRO A 53 -10.28 5.03 -6.33
CA PRO A 53 -8.87 4.67 -6.29
C PRO A 53 -8.06 5.30 -5.16
N HIS A 54 -8.50 6.49 -4.71
CA HIS A 54 -7.91 7.09 -3.52
C HIS A 54 -8.14 6.17 -2.33
N HIS A 55 -9.38 5.65 -2.22
CA HIS A 55 -9.75 4.80 -1.10
C HIS A 55 -8.86 3.56 -1.05
N THR A 56 -8.84 2.81 -2.17
CA THR A 56 -8.03 1.61 -2.28
C THR A 56 -6.64 1.89 -1.72
N ALA A 57 -5.98 2.91 -2.29
CA ALA A 57 -4.58 3.22 -2.02
C ALA A 57 -4.35 3.59 -0.56
N LEU A 58 -5.29 4.37 0.00
CA LEU A 58 -5.19 4.88 1.35
C LEU A 58 -5.38 3.76 2.37
N ARG A 59 -6.34 2.85 2.12
CA ARG A 59 -6.54 1.65 2.93
C ARG A 59 -5.24 0.87 3.10
N GLN A 60 -4.52 0.74 1.99
CA GLN A 60 -3.32 -0.08 1.92
C GLN A 60 -2.16 0.61 2.63
N ALA A 61 -2.11 1.94 2.49
CA ALA A 61 -1.05 2.74 3.09
C ALA A 61 -1.23 2.73 4.59
N ILE A 62 -2.47 2.99 5.01
CA ILE A 62 -2.78 3.07 6.43
C ILE A 62 -2.30 1.78 7.09
N LEU A 63 -2.58 0.66 6.41
CA LEU A 63 -2.24 -0.66 6.92
C LEU A 63 -0.73 -0.87 6.89
N CYS A 64 -0.09 -0.58 5.74
CA CYS A 64 1.34 -0.77 5.63
C CYS A 64 2.03 -0.05 6.80
N TRP A 65 1.54 1.16 7.14
CA TRP A 65 2.16 1.93 8.21
C TRP A 65 2.00 1.21 9.54
N GLY A 66 0.79 0.69 9.80
CA GLY A 66 0.57 -0.16 10.96
C GLY A 66 1.72 -1.15 11.12
N ASP A 67 1.90 -1.97 10.08
CA ASP A 67 2.92 -3.01 10.09
C ASP A 67 4.28 -2.37 10.36
N LEU A 68 4.63 -1.33 9.60
CA LEU A 68 5.93 -0.69 9.76
C LEU A 68 6.18 -0.33 11.23
N MET A 69 5.12 0.11 11.93
CA MET A 69 5.24 0.55 13.30
C MET A 69 5.47 -0.65 14.22
N THR A 70 4.71 -1.72 14.02
CA THR A 70 4.88 -2.95 14.79
C THR A 70 6.35 -3.38 14.77
N LEU A 71 7.01 -3.19 13.62
CA LEU A 71 8.38 -3.60 13.40
C LEU A 71 9.35 -2.71 14.19
N ALA A 72 9.06 -1.40 14.28
CA ALA A 72 9.91 -0.49 15.04
C ALA A 72 9.69 -0.66 16.55
N THR A 73 8.47 -1.07 16.94
CA THR A 73 8.14 -1.34 18.33
C THR A 73 8.84 -2.64 18.74
N TRP A 74 8.63 -3.68 17.94
CA TRP A 74 9.27 -4.98 18.11
C TRP A 74 10.79 -4.83 18.16
N VAL A 75 11.33 -3.87 17.41
CA VAL A 75 12.77 -3.56 17.45
C VAL A 75 13.15 -2.99 18.81
N GLY A 76 12.27 -2.15 19.38
CA GLY A 76 12.45 -1.66 20.74
C GLY A 76 12.46 -2.80 21.76
N THR A 77 11.38 -3.60 21.78
CA THR A 77 11.22 -4.69 22.72
C THR A 77 12.46 -5.58 22.70
N ASN A 78 12.75 -6.16 21.51
CA ASN A 78 13.57 -7.35 21.40
C ASN A 78 15.05 -7.01 21.27
N LEU A 79 15.40 -6.09 20.36
CA LEU A 79 16.80 -5.84 20.05
C LEU A 79 17.52 -5.31 21.30
N ASP A 86 17.57 4.70 19.27
CA ASP A 86 18.25 5.84 18.60
C ASP A 86 18.21 5.64 17.09
N LEU A 87 18.87 4.56 16.64
CA LEU A 87 19.32 4.40 15.26
C LEU A 87 18.13 4.32 14.31
N VAL A 88 17.39 3.21 14.39
CA VAL A 88 16.39 2.86 13.38
C VAL A 88 15.18 3.79 13.53
N VAL A 89 14.75 4.03 14.76
CA VAL A 89 13.53 4.79 15.01
C VAL A 89 13.77 6.25 14.63
N SER A 90 15.04 6.68 14.57
CA SER A 90 15.40 7.98 14.01
C SER A 90 15.29 7.97 12.49
N TYR A 91 15.33 6.78 11.88
CA TYR A 91 15.38 6.63 10.44
C TYR A 91 13.97 6.41 9.87
N VAL A 92 13.18 5.59 10.55
CA VAL A 92 11.82 5.27 10.10
C VAL A 92 11.02 6.55 10.06
N ASN A 93 10.82 7.17 11.23
CA ASN A 93 10.02 8.38 11.34
C ASN A 93 10.59 9.46 10.42
N THR A 94 11.85 9.31 10.00
CA THR A 94 12.50 10.30 9.13
C THR A 94 12.14 10.06 7.67
N ASN A 95 12.74 9.02 7.07
CA ASN A 95 12.69 8.85 5.63
C ASN A 95 11.37 8.21 5.22
N VAL A 96 11.02 7.10 5.88
CA VAL A 96 9.80 6.37 5.61
C VAL A 96 8.60 7.26 5.97
N GLY A 97 8.70 7.92 7.14
CA GLY A 97 7.67 8.82 7.63
C GLY A 97 7.28 9.86 6.57
N LEU A 98 8.28 10.53 6.02
CA LEU A 98 8.02 11.54 5.01
C LEU A 98 7.20 10.92 3.88
N LYS A 99 7.56 9.69 3.51
CA LYS A 99 7.06 9.07 2.29
C LYS A 99 5.59 8.71 2.47
N PHE A 100 5.22 8.39 3.71
CA PHE A 100 3.84 8.14 4.10
C PHE A 100 3.08 9.44 4.27
N ARG A 101 3.70 10.42 4.94
CA ARG A 101 3.10 11.73 5.12
C ARG A 101 2.61 12.24 3.76
N GLN A 102 3.51 12.20 2.75
CA GLN A 102 3.24 12.63 1.39
C GLN A 102 1.99 11.94 0.81
N LEU A 103 1.99 10.59 0.84
CA LEU A 103 0.96 9.78 0.18
C LEU A 103 -0.38 9.88 0.90
N LEU A 104 -0.32 9.79 2.23
CA LEU A 104 -1.48 10.04 3.04
C LEU A 104 -2.07 11.41 2.69
N TRP A 105 -1.23 12.47 2.72
CA TRP A 105 -1.72 13.84 2.53
C TRP A 105 -2.30 14.00 1.12
N PHE A 106 -1.54 13.59 0.11
CA PHE A 106 -2.00 13.72 -1.26
C PHE A 106 -3.45 13.23 -1.35
N HIS A 107 -3.70 12.03 -0.79
CA HIS A 107 -4.95 11.31 -1.02
C HIS A 107 -6.10 11.81 -0.16
N ILE A 108 -5.84 12.14 1.11
CA ILE A 108 -6.86 12.73 1.94
C ILE A 108 -7.25 14.08 1.35
N SER A 109 -6.23 14.91 1.00
CA SER A 109 -6.43 16.22 0.40
C SER A 109 -7.15 16.10 -0.94
N CYS A 110 -6.71 15.14 -1.75
CA CYS A 110 -7.38 14.91 -3.02
C CYS A 110 -8.87 14.71 -2.81
N LEU A 111 -9.23 13.97 -1.74
CA LEU A 111 -10.61 13.62 -1.49
C LEU A 111 -11.36 14.79 -0.88
N THR A 112 -10.71 15.53 0.02
CA THR A 112 -11.36 16.55 0.83
C THR A 112 -11.70 17.78 -0.02
N PHE A 113 -10.73 18.23 -0.84
CA PHE A 113 -10.81 19.50 -1.54
C PHE A 113 -10.86 19.29 -3.07
N GLY A 114 -10.52 18.07 -3.53
CA GLY A 114 -10.54 17.76 -4.95
C GLY A 114 -9.11 17.65 -5.49
N ARG A 115 -8.88 16.73 -6.42
CA ARG A 115 -7.53 16.38 -6.82
C ARG A 115 -6.92 17.52 -7.63
N GLU A 116 -7.58 17.88 -8.73
CA GLU A 116 -7.18 18.97 -9.61
C GLU A 116 -6.68 20.15 -8.78
N THR A 117 -7.47 20.50 -7.74
CA THR A 117 -7.17 21.57 -6.82
C THR A 117 -5.86 21.29 -6.09
N VAL A 118 -5.71 20.07 -5.57
CA VAL A 118 -4.58 19.73 -4.71
C VAL A 118 -3.28 19.88 -5.51
N LEU A 119 -3.36 19.73 -6.84
CA LEU A 119 -2.19 19.90 -7.71
C LEU A 119 -1.96 21.39 -7.97
N GLU A 120 -3.03 22.13 -8.29
CA GLU A 120 -2.89 23.58 -8.45
C GLU A 120 -2.22 24.15 -7.21
N TYR A 121 -2.62 23.68 -6.01
CA TYR A 121 -2.03 24.16 -4.76
C TYR A 121 -0.58 23.66 -4.62
N LEU A 122 -0.31 22.44 -5.10
CA LEU A 122 0.97 21.79 -4.92
C LEU A 122 2.10 22.63 -5.51
N VAL A 123 1.83 23.25 -6.67
CA VAL A 123 2.79 24.08 -7.39
C VAL A 123 2.88 25.46 -6.78
N SER A 124 1.71 26.10 -6.64
CA SER A 124 1.58 27.41 -6.05
C SER A 124 2.45 27.57 -4.80
N PHE A 125 2.37 26.60 -3.87
CA PHE A 125 3.11 26.70 -2.62
C PHE A 125 4.61 26.46 -2.87
N GLY A 126 4.93 25.52 -3.77
CA GLY A 126 6.33 25.21 -4.06
C GLY A 126 7.08 26.45 -4.54
N VAL A 127 6.39 27.20 -5.40
CA VAL A 127 6.91 28.42 -5.98
C VAL A 127 6.99 29.48 -4.89
N TRP A 128 5.84 29.77 -4.24
CA TRP A 128 5.72 30.77 -3.18
C TRP A 128 6.78 30.58 -2.08
N ILE A 129 6.86 29.38 -1.52
CA ILE A 129 7.74 29.11 -0.39
C ILE A 129 9.17 29.41 -0.79
N ARG A 130 9.47 29.29 -2.09
CA ARG A 130 10.83 29.39 -2.59
C ARG A 130 11.19 30.85 -2.93
N THR A 131 10.18 31.68 -3.18
CA THR A 131 10.42 33.11 -3.26
C THR A 131 11.06 33.45 -1.91
N PRO A 132 12.22 34.13 -1.84
CA PRO A 132 12.84 34.40 -0.55
C PRO A 132 12.02 35.38 0.27
N PRO A 133 12.29 35.49 1.59
CA PRO A 133 11.36 36.16 2.50
C PRO A 133 11.10 37.61 2.12
N ALA A 134 12.20 38.32 1.79
CA ALA A 134 12.21 39.74 1.51
C ALA A 134 11.07 40.13 0.57
N ALA A 135 10.92 39.37 -0.52
CA ALA A 135 10.12 39.80 -1.66
C ALA A 135 8.71 39.19 -1.63
N ARG A 136 8.55 38.06 -0.94
CA ARG A 136 7.35 37.26 -1.13
C ARG A 136 6.23 37.79 -0.25
N PRO A 137 4.98 37.86 -0.73
CA PRO A 137 3.84 38.18 0.13
C PRO A 137 3.90 37.41 1.44
N PRO A 138 3.42 37.96 2.57
CA PRO A 138 3.26 37.16 3.79
C PRO A 138 2.05 36.24 3.71
N ASN A 139 1.05 36.68 2.92
CA ASN A 139 -0.10 35.89 2.53
C ASN A 139 0.32 34.67 1.71
N ALA A 140 0.16 33.48 2.31
CA ALA A 140 0.43 32.22 1.65
C ALA A 140 -0.78 31.80 0.81
N PRO A 141 -0.61 30.87 -0.16
CA PRO A 141 -1.74 30.29 -0.87
C PRO A 141 -2.69 29.51 0.04
N ILE A 142 -3.94 29.37 -0.42
CA ILE A 142 -5.00 28.82 0.41
C ILE A 142 -5.68 27.66 -0.32
N LEU A 143 -6.01 26.63 0.49
CA LEU A 143 -6.61 25.40 0.04
C LEU A 143 -8.09 25.34 0.46
N SER A 144 -8.99 25.20 -0.53
CA SER A 144 -10.42 25.13 -0.28
C SER A 144 -11.16 24.81 -1.59
N THR A 145 -12.50 24.93 -1.58
CA THR A 145 -13.32 24.67 -2.76
C THR A 145 -14.52 25.63 -2.74
N SER B 3 -7.90 4.75 15.68
CA SER B 3 -7.79 3.28 15.52
C SER B 3 -8.95 2.74 14.68
N MET B 4 -8.71 2.56 13.37
CA MET B 4 -9.71 2.01 12.45
C MET B 4 -9.45 0.51 12.24
N ASP B 5 -10.50 -0.19 11.78
CA ASP B 5 -10.46 -1.60 11.47
C ASP B 5 -10.70 -1.76 9.97
N ILE B 6 -9.61 -1.62 9.18
CA ILE B 6 -9.64 -1.66 7.73
C ILE B 6 -9.20 -3.04 7.26
N ASP B 7 -9.93 -3.62 6.29
CA ASP B 7 -9.53 -4.87 5.67
C ASP B 7 -9.25 -4.66 4.18
N PRO B 8 -7.99 -4.92 3.73
CA PRO B 8 -7.61 -4.63 2.36
C PRO B 8 -8.42 -5.42 1.35
N TYR B 9 -8.67 -6.70 1.68
CA TYR B 9 -9.22 -7.69 0.74
C TYR B 9 -10.72 -7.50 0.61
N LYS B 10 -11.29 -6.77 1.57
CA LYS B 10 -12.72 -6.62 1.74
C LYS B 10 -13.37 -5.94 0.54
N GLU B 11 -12.66 -5.03 -0.11
CA GLU B 11 -13.28 -4.32 -1.22
C GLU B 11 -13.37 -5.29 -2.40
N PHE B 12 -12.60 -6.38 -2.34
CA PHE B 12 -12.54 -7.37 -3.41
C PHE B 12 -13.36 -8.61 -3.06
N GLY B 13 -13.97 -8.65 -1.87
CA GLY B 13 -14.88 -9.74 -1.53
C GLY B 13 -14.12 -10.96 -1.04
N ALA B 14 -13.11 -10.71 -0.21
CA ALA B 14 -12.46 -11.72 0.60
C ALA B 14 -12.19 -11.09 1.97
N THR B 15 -11.31 -11.71 2.77
CA THR B 15 -10.98 -11.17 4.06
C THR B 15 -9.57 -11.59 4.39
N VAL B 16 -8.98 -10.96 5.41
CA VAL B 16 -7.72 -11.41 5.95
C VAL B 16 -7.86 -12.82 6.51
N GLU B 17 -9.02 -13.10 7.13
CA GLU B 17 -9.34 -14.41 7.67
C GLU B 17 -9.09 -15.46 6.60
N LEU B 18 -9.85 -15.31 5.53
CA LEU B 18 -9.96 -16.28 4.45
C LEU B 18 -8.60 -16.56 3.79
N LEU B 19 -7.76 -15.53 3.70
CA LEU B 19 -6.42 -15.65 3.18
C LEU B 19 -5.59 -16.51 4.12
N SER B 20 -5.81 -16.37 5.44
CA SER B 20 -5.10 -17.17 6.44
C SER B 20 -5.62 -18.61 6.41
N PHE B 21 -6.65 -18.85 5.58
CA PHE B 21 -7.24 -20.17 5.42
C PHE B 21 -6.24 -21.10 4.72
N LEU B 22 -5.50 -20.57 3.74
CA LEU B 22 -4.52 -21.36 3.03
C LEU B 22 -3.24 -21.33 3.86
N PRO B 23 -2.47 -22.44 3.96
CA PRO B 23 -1.30 -22.46 4.85
C PRO B 23 -0.20 -21.50 4.45
N SER B 24 0.73 -21.26 5.38
CA SER B 24 1.79 -20.28 5.19
C SER B 24 2.63 -20.61 3.96
N ASP B 25 2.77 -21.90 3.66
CA ASP B 25 3.63 -22.36 2.58
C ASP B 25 2.78 -22.91 1.43
N PHE B 26 1.63 -22.28 1.19
CA PHE B 26 0.93 -22.42 -0.08
C PHE B 26 1.42 -21.36 -1.03
N PHE B 27 1.92 -20.23 -0.48
CA PHE B 27 2.22 -19.05 -1.27
C PHE B 27 3.59 -19.19 -1.93
N PRO B 28 3.76 -18.68 -3.18
CA PRO B 28 5.09 -18.51 -3.76
C PRO B 28 6.06 -17.82 -2.80
N SER B 29 7.31 -17.61 -3.23
CA SER B 29 8.20 -16.69 -2.53
C SER B 29 7.74 -15.25 -2.79
N VAL B 30 8.24 -14.31 -1.99
CA VAL B 30 8.09 -12.90 -2.35
C VAL B 30 8.92 -12.68 -3.60
N ARG B 31 10.14 -13.25 -3.59
CA ARG B 31 11.07 -13.26 -4.72
C ARG B 31 10.31 -13.53 -6.01
N ASP B 32 9.65 -14.70 -6.07
CA ASP B 32 9.00 -15.16 -7.30
C ASP B 32 7.72 -14.39 -7.63
N LEU B 33 7.14 -13.73 -6.62
CA LEU B 33 5.88 -13.03 -6.80
C LEU B 33 6.11 -11.74 -7.58
N LEU B 34 7.24 -11.09 -7.26
CA LEU B 34 7.62 -9.84 -7.90
C LEU B 34 8.03 -10.07 -9.35
N ASP B 35 8.79 -11.16 -9.60
CA ASP B 35 9.27 -11.50 -10.93
C ASP B 35 8.11 -11.89 -11.85
N THR B 36 7.04 -12.42 -11.25
CA THR B 36 5.88 -12.84 -12.02
C THR B 36 5.08 -11.62 -12.46
N ALA B 37 4.82 -10.69 -11.52
CA ALA B 37 4.08 -9.47 -11.80
C ALA B 37 4.77 -8.70 -12.92
N ALA B 38 6.11 -8.73 -12.85
CA ALA B 38 6.98 -8.06 -13.81
C ALA B 38 6.81 -8.70 -15.18
N ALA B 39 7.01 -10.03 -15.23
CA ALA B 39 7.03 -10.77 -16.48
C ALA B 39 5.65 -10.78 -17.15
N LEU B 40 4.59 -10.50 -16.39
CA LEU B 40 3.25 -10.54 -16.93
C LEU B 40 2.66 -9.13 -17.04
N TYR B 41 3.07 -8.19 -16.18
CA TYR B 41 2.36 -6.91 -16.10
C TYR B 41 3.27 -5.74 -15.77
N ARG B 42 4.56 -5.82 -16.12
CA ARG B 42 5.45 -4.68 -15.98
C ARG B 42 4.78 -3.42 -16.52
N ASP B 43 4.14 -3.54 -17.70
CA ASP B 43 3.66 -2.39 -18.45
C ASP B 43 2.40 -1.84 -17.81
N ALA B 44 1.42 -2.72 -17.56
CA ALA B 44 0.18 -2.34 -16.90
C ALA B 44 0.44 -1.56 -15.59
N LEU B 45 1.52 -1.93 -14.85
CA LEU B 45 1.81 -1.47 -13.49
C LEU B 45 2.57 -0.15 -13.47
N GLU B 46 3.54 0.01 -14.40
CA GLU B 46 4.30 1.24 -14.55
C GLU B 46 3.46 2.31 -15.24
N SER B 47 2.49 1.86 -16.07
CA SER B 47 1.52 2.69 -16.78
C SER B 47 0.84 3.72 -15.87
N PRO B 48 0.41 4.87 -16.42
CA PRO B 48 -0.35 5.86 -15.67
C PRO B 48 -1.87 5.72 -15.80
N GLU B 49 -2.34 4.55 -16.23
CA GLU B 49 -3.76 4.28 -16.28
C GLU B 49 -4.14 3.39 -15.10
N HIS B 50 -5.25 3.73 -14.43
CA HIS B 50 -5.69 2.98 -13.26
C HIS B 50 -5.70 1.49 -13.60
N CYS B 51 -6.37 1.13 -14.70
CA CYS B 51 -6.51 -0.24 -15.18
C CYS B 51 -7.56 -1.00 -14.36
N SER B 52 -7.23 -1.31 -13.09
CA SER B 52 -8.21 -1.85 -12.16
C SER B 52 -7.76 -1.63 -10.72
N PRO B 53 -8.70 -1.68 -9.76
CA PRO B 53 -8.39 -1.57 -8.34
C PRO B 53 -7.29 -2.53 -7.88
N HIS B 54 -7.17 -3.66 -8.59
CA HIS B 54 -6.08 -4.60 -8.34
C HIS B 54 -4.76 -3.90 -8.63
N HIS B 55 -4.68 -3.25 -9.80
CA HIS B 55 -3.45 -2.62 -10.26
C HIS B 55 -2.96 -1.67 -9.18
N THR B 56 -3.91 -0.86 -8.69
CA THR B 56 -3.67 0.18 -7.68
C THR B 56 -3.02 -0.39 -6.42
N ALA B 57 -3.64 -1.46 -5.90
CA ALA B 57 -3.21 -2.04 -4.65
C ALA B 57 -1.86 -2.71 -4.81
N LEU B 58 -1.63 -3.34 -5.96
CA LEU B 58 -0.39 -4.04 -6.20
C LEU B 58 0.76 -3.04 -6.23
N ARG B 59 0.61 -1.99 -7.05
CA ARG B 59 1.56 -0.89 -7.08
C ARG B 59 2.03 -0.55 -5.66
N GLN B 60 1.05 -0.39 -4.74
CA GLN B 60 1.32 0.06 -3.39
C GLN B 60 2.04 -1.04 -2.61
N ALA B 61 1.51 -2.27 -2.74
CA ALA B 61 2.06 -3.43 -2.05
C ALA B 61 3.55 -3.55 -2.38
N ILE B 62 3.87 -3.39 -3.66
CA ILE B 62 5.22 -3.64 -4.14
C ILE B 62 6.16 -2.62 -3.52
N LEU B 63 5.76 -1.35 -3.64
CA LEU B 63 6.60 -0.29 -3.16
C LEU B 63 6.78 -0.43 -1.66
N CYS B 64 5.69 -0.73 -0.94
CA CYS B 64 5.77 -0.91 0.50
C CYS B 64 6.83 -1.97 0.77
N TRP B 65 6.83 -3.05 -0.02
CA TRP B 65 7.86 -4.07 0.16
C TRP B 65 9.22 -3.46 -0.14
N GLY B 66 9.30 -2.76 -1.28
CA GLY B 66 10.52 -2.08 -1.69
C GLY B 66 11.12 -1.27 -0.54
N ASP B 67 10.31 -0.34 -0.02
CA ASP B 67 10.74 0.52 1.07
C ASP B 67 11.16 -0.34 2.26
N LEU B 68 10.34 -1.33 2.63
CA LEU B 68 10.65 -2.19 3.75
C LEU B 68 12.04 -2.79 3.59
N MET B 69 12.36 -3.25 2.37
CA MET B 69 13.64 -3.91 2.12
C MET B 69 14.79 -2.92 2.22
N THR B 70 14.58 -1.67 1.80
CA THR B 70 15.58 -0.62 1.93
C THR B 70 15.95 -0.42 3.40
N LEU B 71 15.03 -0.78 4.31
CA LEU B 71 15.28 -0.70 5.74
C LEU B 71 16.29 -1.78 6.15
N ALA B 72 16.17 -2.97 5.53
CA ALA B 72 17.07 -4.07 5.81
C ALA B 72 18.43 -3.86 5.15
N THR B 73 18.48 -3.03 4.09
CA THR B 73 19.74 -2.67 3.45
C THR B 73 20.51 -1.70 4.36
N TRP B 74 19.84 -1.20 5.40
CA TRP B 74 20.43 -0.27 6.36
C TRP B 74 20.65 -0.90 7.75
N VAL B 75 19.87 -1.93 8.13
CA VAL B 75 19.91 -2.52 9.46
C VAL B 75 21.12 -3.44 9.65
N GLY B 76 21.48 -4.21 8.61
CA GLY B 76 22.54 -5.22 8.69
C GLY B 76 23.78 -4.75 9.45
N THR B 77 24.20 -3.49 9.19
CA THR B 77 25.33 -2.87 9.89
C THR B 77 25.36 -3.38 11.32
N SER B 90 15.16 -11.69 9.88
CA SER B 90 14.78 -12.97 10.54
C SER B 90 13.36 -12.91 11.07
N TYR B 91 12.93 -11.72 11.52
CA TYR B 91 11.54 -11.47 11.85
C TYR B 91 10.77 -11.06 10.59
N VAL B 92 11.36 -10.13 9.82
CA VAL B 92 10.70 -9.52 8.68
C VAL B 92 10.10 -10.60 7.80
N ASN B 93 10.97 -11.45 7.23
CA ASN B 93 10.56 -12.46 6.27
C ASN B 93 9.57 -13.44 6.91
N THR B 94 9.56 -13.51 8.25
CA THR B 94 8.76 -14.49 8.96
C THR B 94 7.29 -14.04 8.97
N ASN B 95 7.02 -12.90 9.61
CA ASN B 95 5.67 -12.48 9.92
C ASN B 95 5.11 -11.64 8.78
N VAL B 96 5.90 -10.65 8.37
CA VAL B 96 5.49 -9.68 7.36
C VAL B 96 5.45 -10.38 6.00
N GLY B 97 6.49 -11.19 5.72
CA GLY B 97 6.62 -11.87 4.45
C GLY B 97 5.32 -12.56 4.05
N LEU B 98 4.68 -13.21 5.02
CA LEU B 98 3.42 -13.91 4.78
C LEU B 98 2.38 -12.92 4.28
N LYS B 99 2.29 -11.76 4.95
CA LYS B 99 1.27 -10.76 4.68
C LYS B 99 1.40 -10.22 3.25
N PHE B 100 2.65 -10.07 2.81
CA PHE B 100 2.91 -9.66 1.46
C PHE B 100 2.55 -10.79 0.49
N ARG B 101 3.03 -12.00 0.81
CA ARG B 101 2.80 -13.13 -0.07
C ARG B 101 1.31 -13.27 -0.34
N GLN B 102 0.49 -13.23 0.73
CA GLN B 102 -0.95 -13.39 0.66
C GLN B 102 -1.56 -12.35 -0.30
N LEU B 103 -1.12 -11.10 -0.17
CA LEU B 103 -1.71 -9.97 -0.88
C LEU B 103 -1.26 -9.96 -2.35
N LEU B 104 0.07 -10.01 -2.54
CA LEU B 104 0.63 -10.12 -3.86
C LEU B 104 -0.05 -11.29 -4.58
N TRP B 105 0.02 -12.49 -3.98
CA TRP B 105 -0.49 -13.66 -4.64
C TRP B 105 -1.95 -13.42 -5.01
N PHE B 106 -2.72 -12.96 -4.02
CA PHE B 106 -4.14 -12.69 -4.21
C PHE B 106 -4.37 -11.91 -5.51
N HIS B 107 -3.59 -10.84 -5.70
CA HIS B 107 -3.90 -9.86 -6.73
C HIS B 107 -3.45 -10.36 -8.09
N ILE B 108 -2.17 -10.76 -8.21
CA ILE B 108 -1.65 -11.32 -9.44
C ILE B 108 -2.60 -12.41 -9.93
N SER B 109 -2.94 -13.30 -8.97
CA SER B 109 -3.78 -14.48 -9.12
C SER B 109 -5.23 -14.11 -9.48
N CYS B 110 -5.67 -12.93 -9.06
CA CYS B 110 -6.97 -12.46 -9.51
C CYS B 110 -6.85 -12.06 -10.98
N LEU B 111 -5.87 -11.19 -11.26
CA LEU B 111 -5.67 -10.63 -12.59
C LEU B 111 -5.50 -11.73 -13.63
N THR B 112 -4.70 -12.75 -13.28
CA THR B 112 -4.28 -13.81 -14.20
C THR B 112 -5.41 -14.76 -14.58
N PHE B 113 -6.21 -15.19 -13.57
CA PHE B 113 -7.16 -16.27 -13.73
C PHE B 113 -8.58 -15.81 -13.48
N GLY B 114 -8.77 -14.77 -12.66
CA GLY B 114 -10.10 -14.28 -12.34
C GLY B 114 -10.31 -14.25 -10.83
N ARG B 115 -11.04 -13.23 -10.35
CA ARG B 115 -11.19 -13.04 -8.93
C ARG B 115 -12.00 -14.20 -8.35
N GLU B 116 -13.27 -14.30 -8.77
CA GLU B 116 -14.20 -15.34 -8.34
C GLU B 116 -13.55 -16.72 -8.47
N THR B 117 -12.74 -16.89 -9.52
CA THR B 117 -12.07 -18.15 -9.81
C THR B 117 -10.98 -18.45 -8.77
N VAL B 118 -10.39 -17.42 -8.16
CA VAL B 118 -9.34 -17.59 -7.16
C VAL B 118 -9.97 -17.91 -5.82
N LEU B 119 -11.15 -17.36 -5.55
CA LEU B 119 -11.84 -17.57 -4.29
C LEU B 119 -12.40 -18.99 -4.25
N GLU B 120 -12.97 -19.44 -5.38
CA GLU B 120 -13.43 -20.82 -5.48
C GLU B 120 -12.29 -21.77 -5.12
N TYR B 121 -11.08 -21.46 -5.60
CA TYR B 121 -9.89 -22.29 -5.37
C TYR B 121 -9.44 -22.15 -3.91
N LEU B 122 -9.54 -20.92 -3.36
CA LEU B 122 -9.08 -20.62 -2.02
C LEU B 122 -9.74 -21.57 -1.03
N VAL B 123 -11.03 -21.81 -1.25
CA VAL B 123 -11.81 -22.68 -0.37
C VAL B 123 -11.65 -24.16 -0.76
N SER B 124 -11.68 -24.43 -2.07
CA SER B 124 -11.44 -25.78 -2.56
C SER B 124 -10.14 -26.33 -1.96
N PHE B 125 -9.06 -25.54 -2.02
CA PHE B 125 -7.76 -25.99 -1.56
C PHE B 125 -7.75 -26.13 -0.03
N GLY B 126 -8.36 -25.17 0.67
CA GLY B 126 -8.32 -25.13 2.13
C GLY B 126 -8.96 -26.38 2.74
N VAL B 127 -10.12 -26.76 2.18
CA VAL B 127 -10.79 -27.99 2.53
C VAL B 127 -9.84 -29.15 2.22
N TRP B 128 -9.43 -29.26 0.94
CA TRP B 128 -8.63 -30.37 0.44
C TRP B 128 -7.42 -30.63 1.33
N ILE B 129 -6.60 -29.59 1.55
CA ILE B 129 -5.34 -29.74 2.27
C ILE B 129 -5.60 -30.25 3.67
N ARG B 130 -6.80 -29.97 4.19
CA ARG B 130 -7.12 -30.23 5.59
C ARG B 130 -7.68 -31.64 5.78
N THR B 131 -8.14 -32.26 4.68
CA THR B 131 -8.54 -33.66 4.72
C THR B 131 -7.28 -34.43 5.09
N PRO B 132 -7.27 -35.43 5.99
CA PRO B 132 -6.03 -36.09 6.36
C PRO B 132 -5.50 -36.97 5.23
N PRO B 133 -4.22 -37.40 5.28
CA PRO B 133 -3.56 -37.97 4.12
C PRO B 133 -4.32 -39.16 3.52
N ALA B 134 -4.76 -40.06 4.42
CA ALA B 134 -5.30 -41.36 4.07
C ALA B 134 -6.55 -41.22 3.21
N ALA B 135 -7.36 -40.19 3.47
CA ALA B 135 -8.66 -40.05 2.84
C ALA B 135 -8.54 -39.25 1.55
N ARG B 136 -7.62 -38.27 1.55
CA ARG B 136 -7.62 -37.19 0.58
C ARG B 136 -7.10 -37.71 -0.75
N PRO B 137 -7.89 -37.59 -1.85
CA PRO B 137 -7.39 -37.81 -3.19
C PRO B 137 -5.95 -37.33 -3.39
N PRO B 138 -5.17 -37.96 -4.29
CA PRO B 138 -3.75 -37.61 -4.44
C PRO B 138 -3.52 -36.34 -5.25
N ASN B 139 -4.60 -35.84 -5.90
CA ASN B 139 -4.53 -34.71 -6.82
C ASN B 139 -5.17 -33.47 -6.19
N ALA B 140 -4.32 -32.50 -5.85
CA ALA B 140 -4.74 -31.17 -5.43
C ALA B 140 -5.54 -30.53 -6.56
N PRO B 141 -6.53 -29.66 -6.25
CA PRO B 141 -7.32 -29.02 -7.28
C PRO B 141 -6.53 -28.03 -8.12
N ILE B 142 -7.17 -27.57 -9.20
CA ILE B 142 -6.43 -26.94 -10.28
C ILE B 142 -6.93 -25.52 -10.50
N LEU B 143 -5.96 -24.61 -10.65
CA LEU B 143 -6.20 -23.22 -10.97
C LEU B 143 -6.00 -22.99 -12.47
N SER B 144 -7.02 -22.39 -13.11
CA SER B 144 -7.01 -22.12 -14.54
C SER B 144 -8.33 -21.46 -14.95
N THR B 145 -8.51 -21.21 -16.26
CA THR B 145 -9.76 -20.69 -16.81
C THR B 145 -10.06 -21.43 -18.10
#